data_2GDZ
#
_entry.id   2GDZ
#
_cell.length_a   49.540
_cell.length_b   49.540
_cell.length_c   195.771
_cell.angle_alpha   90.00
_cell.angle_beta   90.00
_cell.angle_gamma   90.00
#
_symmetry.space_group_name_H-M   'P 41 21 2'
#
loop_
_entity.id
_entity.type
_entity.pdbx_description
1 polymer 'NAD+-dependent 15-hydroxyprostaglandin dehydrogenase'
2 non-polymer NICOTINAMIDE-ADENINE-DINUCLEOTIDE
3 water water
#
_entity_poly.entity_id   1
_entity_poly.type   'polypeptide(L)'
_entity_poly.pdbx_seq_one_letter_code
;MAHMVNGKVALVTGAAQGIGRAFAEALLLKGAKVALVDWNLEAGVQCKAALHEQFEPQKTLFIQCDVADQQQLRDTFRKV
VDHFGRLDILVNNAGVNNEKNWEKTLQINLVSVISGTYLGLDYMSKQNGGEGGIIINMSSLAGLMPVAQQPVYCASKHGI
VGFTRSAALAANLMNSGVRLNAICPGFVNTAILESIEKEENMGQYIEYKDHIKDMIKYYGILDPPLIANGLITLIEDDAL
NGAIMKITTSKGIHFQDYGSKENLYFQ
;
_entity_poly.pdbx_strand_id   A
#
# COMPACT_ATOMS: atom_id res chain seq x y z
N ALA A 2 -19.02 11.65 -5.15
CA ALA A 2 -17.76 11.28 -4.44
C ALA A 2 -18.01 10.92 -2.97
N HIS A 3 -17.19 10.01 -2.43
CA HIS A 3 -17.11 9.69 -0.99
C HIS A 3 -16.35 10.77 -0.25
N MET A 4 -16.81 11.11 0.94
CA MET A 4 -16.09 12.04 1.79
C MET A 4 -15.19 11.23 2.75
N VAL A 5 -13.94 11.64 2.87
CA VAL A 5 -12.96 10.97 3.73
C VAL A 5 -13.25 11.24 5.24
N ASN A 6 -13.74 12.44 5.54
CA ASN A 6 -13.97 12.85 6.93
C ASN A 6 -14.72 11.80 7.75
N GLY A 7 -14.16 11.43 8.89
CA GLY A 7 -14.81 10.51 9.79
C GLY A 7 -14.58 9.04 9.49
N LYS A 8 -14.02 8.70 8.32
CA LYS A 8 -13.70 7.31 8.01
C LYS A 8 -12.52 6.82 8.87
N VAL A 9 -12.45 5.52 9.08
CA VAL A 9 -11.35 4.94 9.83
C VAL A 9 -10.41 4.19 8.88
N ALA A 10 -9.13 4.57 8.89
CA ALA A 10 -8.11 3.97 8.00
C ALA A 10 -7.12 3.17 8.82
N LEU A 11 -6.72 2.00 8.32
CA LEU A 11 -5.61 1.23 8.91
C LEU A 11 -4.49 1.25 7.84
N VAL A 12 -3.35 1.88 8.17
CA VAL A 12 -2.24 2.01 7.22
C VAL A 12 -1.07 1.19 7.68
N THR A 13 -0.67 0.16 6.92
CA THR A 13 0.54 -0.59 7.33
C THR A 13 1.81 0.12 6.84
N GLY A 14 2.91 -0.07 7.56
CA GLY A 14 4.14 0.64 7.26
C GLY A 14 4.00 2.15 7.39
N ALA A 15 3.17 2.55 8.35
CA ALA A 15 2.81 3.96 8.52
C ALA A 15 3.85 4.80 9.26
N ALA A 16 4.88 4.18 9.84
CA ALA A 16 5.84 4.96 10.66
C ALA A 16 6.67 5.94 9.87
N GLN A 17 6.92 5.64 8.61
CA GLN A 17 7.78 6.48 7.77
C GLN A 17 7.43 6.42 6.29
N GLY A 18 8.15 7.25 5.51
CA GLY A 18 8.11 7.16 4.03
C GLY A 18 6.68 7.34 3.54
N ILE A 19 6.28 6.55 2.55
CA ILE A 19 4.96 6.77 1.89
C ILE A 19 3.80 6.54 2.89
N GLY A 20 3.96 5.50 3.75
CA GLY A 20 2.94 5.17 4.75
C GLY A 20 2.65 6.37 5.65
N ARG A 21 3.72 7.05 6.07
CA ARG A 21 3.53 8.20 6.95
C ARG A 21 2.85 9.36 6.17
N ALA A 22 3.28 9.58 4.93
CA ALA A 22 2.56 10.52 4.06
C ALA A 22 1.04 10.23 3.93
N PHE A 23 0.70 8.93 3.77
CA PHE A 23 -0.67 8.50 3.73
C PHE A 23 -1.41 8.89 5.03
N ALA A 24 -0.80 8.54 6.17
CA ALA A 24 -1.40 8.83 7.49
C ALA A 24 -1.67 10.36 7.57
N GLU A 25 -0.66 11.16 7.20
CA GLU A 25 -0.76 12.65 7.31
C GLU A 25 -1.89 13.19 6.42
N ALA A 26 -1.93 12.71 5.17
CA ALA A 26 -2.96 13.14 4.20
C ALA A 26 -4.35 12.75 4.72
N LEU A 27 -4.48 11.53 5.22
CA LEU A 27 -5.76 11.03 5.73
C LEU A 27 -6.23 11.90 6.92
N LEU A 28 -5.30 12.19 7.83
CA LEU A 28 -5.59 12.99 9.03
C LEU A 28 -6.05 14.40 8.63
N LEU A 29 -5.35 15.00 7.66
CA LEU A 29 -5.74 16.32 7.21
C LEU A 29 -7.18 16.32 6.62
N LYS A 30 -7.55 15.20 5.99
CA LYS A 30 -8.88 15.03 5.39
C LYS A 30 -9.97 14.60 6.40
N GLY A 31 -9.59 14.48 7.67
CA GLY A 31 -10.57 14.21 8.73
C GLY A 31 -10.77 12.74 9.10
N ALA A 32 -9.93 11.86 8.52
CA ALA A 32 -10.00 10.48 8.87
C ALA A 32 -9.36 10.22 10.24
N LYS A 33 -9.75 9.11 10.86
CA LYS A 33 -9.01 8.56 11.99
C LYS A 33 -8.10 7.49 11.43
N VAL A 34 -6.91 7.37 11.99
CA VAL A 34 -5.90 6.50 11.35
C VAL A 34 -5.25 5.58 12.38
N ALA A 35 -5.29 4.28 12.12
CA ALA A 35 -4.45 3.34 12.87
C ALA A 35 -3.13 3.18 12.09
N LEU A 36 -2.06 3.66 12.71
CA LEU A 36 -0.71 3.56 12.15
C LEU A 36 -0.18 2.20 12.56
N VAL A 37 0.19 1.36 11.59
CA VAL A 37 0.64 0.01 11.90
C VAL A 37 2.06 -0.20 11.35
N ASP A 38 3.01 -0.67 12.15
CA ASP A 38 4.41 -0.77 11.68
C ASP A 38 5.18 -1.70 12.58
N TRP A 39 6.22 -2.35 12.06
CA TRP A 39 6.99 -3.21 12.96
C TRP A 39 8.07 -2.46 13.72
N ASN A 40 8.32 -1.22 13.30
CA ASN A 40 9.33 -0.36 13.91
C ASN A 40 8.69 0.35 15.10
N LEU A 41 8.90 -0.22 16.29
CA LEU A 41 8.29 0.32 17.51
C LEU A 41 8.69 1.79 17.79
N GLU A 42 9.98 2.06 17.81
CA GLU A 42 10.47 3.43 18.08
C GLU A 42 9.96 4.47 17.08
N ALA A 43 10.11 4.19 15.78
CA ALA A 43 9.68 5.13 14.73
C ALA A 43 8.16 5.28 14.79
N GLY A 44 7.43 4.19 15.05
CA GLY A 44 5.98 4.26 15.18
C GLY A 44 5.48 5.16 16.30
N VAL A 45 6.11 5.03 17.49
CA VAL A 45 5.70 5.78 18.69
C VAL A 45 6.06 7.27 18.47
N GLN A 46 7.25 7.50 17.91
CA GLN A 46 7.69 8.88 17.60
C GLN A 46 6.77 9.54 16.57
N CYS A 47 6.40 8.78 15.54
CA CYS A 47 5.45 9.26 14.52
C CYS A 47 4.12 9.73 15.13
N LYS A 48 3.47 8.88 15.94
CA LYS A 48 2.21 9.26 16.61
C LYS A 48 2.43 10.53 17.47
N ALA A 49 3.52 10.52 18.25
CA ALA A 49 3.85 11.66 19.14
C ALA A 49 3.97 12.95 18.30
N ALA A 50 4.67 12.85 17.17
CA ALA A 50 4.87 14.06 16.35
C ALA A 50 3.53 14.51 15.77
N LEU A 51 2.66 13.55 15.40
CA LEU A 51 1.36 13.89 14.79
C LEU A 51 0.39 14.59 15.78
N HIS A 52 0.58 14.36 17.09
CA HIS A 52 -0.20 15.09 18.13
C HIS A 52 -0.12 16.60 18.06
N GLU A 53 0.95 17.10 17.46
CA GLU A 53 1.13 18.53 17.35
C GLU A 53 0.22 19.14 16.31
N GLN A 54 -0.12 18.37 15.27
CA GLN A 54 -1.03 18.85 14.19
C GLN A 54 -2.47 18.34 14.33
N PHE A 55 -2.66 17.17 14.95
CA PHE A 55 -3.99 16.53 15.02
C PHE A 55 -4.33 16.11 16.42
N GLU A 56 -5.62 16.14 16.76
CA GLU A 56 -6.05 15.70 18.08
C GLU A 56 -5.59 14.27 18.29
N PRO A 57 -4.98 13.98 19.46
CA PRO A 57 -4.49 12.62 19.79
C PRO A 57 -5.52 11.52 19.50
N GLN A 58 -6.82 11.80 19.69
CA GLN A 58 -7.85 10.77 19.48
C GLN A 58 -8.04 10.38 18.01
N LYS A 59 -7.41 11.13 17.11
CA LYS A 59 -7.46 10.77 15.69
C LYS A 59 -6.53 9.61 15.34
N THR A 60 -5.58 9.27 16.20
CA THR A 60 -4.60 8.24 15.83
C THR A 60 -4.40 7.14 16.86
N LEU A 61 -3.98 5.99 16.39
CA LEU A 61 -3.64 4.87 17.26
C LEU A 61 -2.42 4.25 16.64
N PHE A 62 -1.45 3.85 17.44
CA PHE A 62 -0.30 3.14 16.90
C PHE A 62 -0.37 1.68 17.37
N ILE A 63 -0.12 0.72 16.46
CA ILE A 63 -0.04 -0.71 16.85
C ILE A 63 1.21 -1.33 16.22
N GLN A 64 2.09 -1.86 17.07
CA GLN A 64 3.29 -2.53 16.59
C GLN A 64 2.86 -3.88 15.99
N CYS A 65 3.35 -4.19 14.79
CA CYS A 65 2.92 -5.41 14.12
C CYS A 65 3.89 -5.76 12.99
N ASP A 66 4.30 -7.03 12.94
CA ASP A 66 5.04 -7.53 11.80
C ASP A 66 3.97 -8.09 10.88
N VAL A 67 3.78 -7.45 9.72
CA VAL A 67 2.62 -7.83 8.86
C VAL A 67 2.73 -9.27 8.36
N ALA A 68 3.94 -9.80 8.38
CA ALA A 68 4.17 -11.17 7.89
C ALA A 68 3.83 -12.23 8.94
N ASP A 69 3.60 -11.82 10.17
CA ASP A 69 3.19 -12.73 11.23
C ASP A 69 1.68 -12.73 11.22
N GLN A 70 1.09 -13.81 10.70
CA GLN A 70 -0.37 -13.79 10.51
C GLN A 70 -1.23 -13.61 11.77
N GLN A 71 -0.84 -14.24 12.89
CA GLN A 71 -1.61 -14.06 14.13
C GLN A 71 -1.47 -12.61 14.61
N GLN A 72 -0.27 -12.03 14.46
CA GLN A 72 -0.01 -10.62 14.87
C GLN A 72 -0.93 -9.72 14.02
N LEU A 73 -1.01 -10.01 12.72
CA LEU A 73 -1.80 -9.14 11.84
C LEU A 73 -3.32 -9.27 12.18
N ARG A 74 -3.80 -10.50 12.44
CA ARG A 74 -5.20 -10.67 12.85
C ARG A 74 -5.54 -9.90 14.13
N ASP A 75 -4.65 -10.02 15.11
CA ASP A 75 -4.81 -9.34 16.42
C ASP A 75 -4.87 -7.82 16.20
N THR A 76 -4.01 -7.35 15.31
CA THR A 76 -3.96 -5.91 14.96
C THR A 76 -5.27 -5.38 14.37
N PHE A 77 -5.88 -6.11 13.41
CA PHE A 77 -7.18 -5.69 12.88
C PHE A 77 -8.23 -5.62 13.99
N ARG A 78 -8.25 -6.67 14.83
CA ARG A 78 -9.20 -6.73 15.92
C ARG A 78 -9.05 -5.51 16.86
N LYS A 79 -7.82 -5.16 17.19
CA LYS A 79 -7.55 -4.04 18.11
C LYS A 79 -7.99 -2.72 17.48
N VAL A 80 -7.80 -2.62 16.16
CA VAL A 80 -8.19 -1.40 15.45
C VAL A 80 -9.71 -1.19 15.47
N VAL A 81 -10.45 -2.25 15.11
CA VAL A 81 -11.90 -2.21 15.10
C VAL A 81 -12.46 -2.02 16.51
N ASP A 82 -11.83 -2.65 17.49
CA ASP A 82 -12.25 -2.50 18.90
C ASP A 82 -12.06 -1.04 19.32
N HIS A 83 -10.98 -0.43 18.87
CA HIS A 83 -10.70 0.94 19.30
C HIS A 83 -11.57 1.99 18.64
N PHE A 84 -11.64 1.95 17.30
CA PHE A 84 -12.34 2.98 16.53
C PHE A 84 -13.80 2.64 16.24
N GLY A 85 -14.16 1.36 16.46
CA GLY A 85 -15.54 0.89 16.27
C GLY A 85 -15.89 0.49 14.84
N ARG A 86 -14.98 0.73 13.89
CA ARG A 86 -15.26 0.43 12.48
C ARG A 86 -13.92 0.45 11.71
N LEU A 87 -13.99 0.03 10.46
CA LEU A 87 -12.88 0.05 9.53
C LEU A 87 -13.48 0.37 8.15
N ASP A 88 -12.94 1.40 7.50
CA ASP A 88 -13.43 1.86 6.20
C ASP A 88 -12.40 1.81 5.07
N ILE A 89 -11.13 1.97 5.44
CA ILE A 89 -10.05 2.12 4.47
C ILE A 89 -8.89 1.27 4.99
N LEU A 90 -8.41 0.33 4.16
CA LEU A 90 -7.21 -0.44 4.51
C LEU A 90 -6.14 -0.09 3.47
N VAL A 91 -4.95 0.26 3.95
CA VAL A 91 -3.84 0.53 3.00
C VAL A 91 -2.70 -0.44 3.32
N ASN A 92 -2.54 -1.46 2.44
CA ASN A 92 -1.45 -2.41 2.59
C ASN A 92 -0.21 -1.84 1.90
N ASN A 93 0.56 -1.11 2.69
CA ASN A 93 1.69 -0.30 2.19
C ASN A 93 3.07 -0.82 2.63
N ALA A 94 3.16 -1.49 3.76
CA ALA A 94 4.48 -1.98 4.19
C ALA A 94 5.13 -2.78 3.04
N GLY A 95 6.42 -2.53 2.86
CA GLY A 95 7.19 -3.30 1.90
C GLY A 95 8.68 -3.06 2.14
N VAL A 96 9.48 -3.94 1.55
CA VAL A 96 10.93 -3.88 1.68
C VAL A 96 11.55 -4.19 0.31
N ASN A 97 12.83 -3.84 0.20
CA ASN A 97 13.68 -4.25 -0.93
C ASN A 97 14.82 -5.08 -0.39
N ASN A 98 14.84 -6.35 -0.75
CA ASN A 98 15.92 -7.22 -0.35
C ASN A 98 15.93 -8.45 -1.25
N GLU A 99 16.88 -8.43 -2.18
CA GLU A 99 17.08 -9.50 -3.18
C GLU A 99 17.98 -10.63 -2.63
N LYS A 100 18.63 -10.39 -1.49
CA LYS A 100 19.43 -11.44 -0.81
C LYS A 100 18.56 -12.40 0.02
N ASN A 101 17.86 -11.87 1.03
CA ASN A 101 16.83 -12.55 1.75
CA ASN A 101 16.80 -12.65 1.71
C ASN A 101 15.48 -12.38 1.02
N TRP A 102 15.40 -12.93 -0.19
CA TRP A 102 14.28 -12.67 -1.09
C TRP A 102 12.99 -13.36 -0.66
N GLU A 103 13.12 -14.48 0.04
CA GLU A 103 11.94 -15.19 0.53
C GLU A 103 11.17 -14.28 1.51
N LYS A 104 11.91 -13.61 2.40
CA LYS A 104 11.30 -12.65 3.36
C LYS A 104 10.63 -11.47 2.62
N THR A 105 11.28 -10.99 1.57
CA THR A 105 10.73 -9.95 0.71
C THR A 105 9.37 -10.39 0.14
N LEU A 106 9.29 -11.61 -0.37
CA LEU A 106 7.99 -12.08 -0.84
C LEU A 106 6.95 -12.17 0.28
N GLN A 107 7.40 -12.59 1.46
CA GLN A 107 6.48 -12.77 2.60
C GLN A 107 5.91 -11.38 2.96
N ILE A 108 6.78 -10.38 3.02
CA ILE A 108 6.29 -9.05 3.43
C ILE A 108 5.51 -8.38 2.28
N ASN A 109 6.12 -8.33 1.09
CA ASN A 109 5.58 -7.53 -0.02
C ASN A 109 4.30 -8.10 -0.64
N LEU A 110 4.18 -9.44 -0.71
CA LEU A 110 3.09 -10.10 -1.43
C LEU A 110 2.18 -10.86 -0.46
N VAL A 111 2.75 -11.82 0.27
CA VAL A 111 1.93 -12.67 1.14
C VAL A 111 1.15 -11.79 2.11
N SER A 112 1.84 -10.81 2.71
CA SER A 112 1.16 -9.96 3.72
C SER A 112 0.10 -9.00 3.12
N VAL A 113 0.29 -8.65 1.84
CA VAL A 113 -0.72 -7.84 1.15
C VAL A 113 -1.99 -8.68 0.97
N ILE A 114 -1.83 -9.95 0.63
CA ILE A 114 -2.97 -10.83 0.47
C ILE A 114 -3.67 -11.10 1.82
N SER A 115 -2.87 -11.44 2.84
CA SER A 115 -3.40 -11.74 4.19
C SER A 115 -4.13 -10.49 4.71
N GLY A 116 -3.54 -9.31 4.57
CA GLY A 116 -4.18 -8.07 5.07
C GLY A 116 -5.46 -7.80 4.26
N THR A 117 -5.38 -7.96 2.92
CA THR A 117 -6.57 -7.79 2.10
C THR A 117 -7.74 -8.67 2.60
N TYR A 118 -7.42 -9.94 2.84
CA TYR A 118 -8.45 -10.89 3.26
C TYR A 118 -9.03 -10.51 4.63
N LEU A 119 -8.18 -10.01 5.52
CA LEU A 119 -8.67 -9.53 6.86
C LEU A 119 -9.54 -8.27 6.63
N GLY A 120 -9.11 -7.38 5.74
CA GLY A 120 -9.99 -6.21 5.37
C GLY A 120 -11.37 -6.65 4.90
N LEU A 121 -11.43 -7.68 4.07
CA LEU A 121 -12.68 -8.19 3.56
C LEU A 121 -13.48 -8.84 4.71
N ASP A 122 -12.77 -9.51 5.63
CA ASP A 122 -13.42 -10.17 6.80
C ASP A 122 -14.24 -9.15 7.58
N TYR A 123 -13.67 -7.97 7.78
CA TYR A 123 -14.35 -6.88 8.52
C TYR A 123 -15.31 -6.04 7.69
N MET A 124 -14.86 -5.65 6.49
CA MET A 124 -15.61 -4.66 5.71
C MET A 124 -16.66 -5.19 4.77
N SER A 125 -16.59 -6.45 4.33
CA SER A 125 -17.57 -6.93 3.36
CA SER A 125 -17.56 -6.94 3.35
C SER A 125 -18.98 -6.85 3.91
N LYS A 126 -19.89 -6.36 3.08
CA LYS A 126 -21.31 -6.28 3.44
C LYS A 126 -21.80 -7.68 3.85
N GLN A 127 -21.28 -8.73 3.18
CA GLN A 127 -21.76 -10.07 3.51
C GLN A 127 -21.24 -10.62 4.85
N ASN A 128 -20.24 -9.97 5.43
CA ASN A 128 -19.69 -10.35 6.72
C ASN A 128 -20.16 -9.42 7.86
N GLY A 129 -21.15 -8.58 7.58
CA GLY A 129 -21.65 -7.64 8.58
C GLY A 129 -20.94 -6.28 8.58
N GLY A 130 -20.08 -6.02 7.58
CA GLY A 130 -19.55 -4.68 7.41
C GLY A 130 -20.46 -3.82 6.53
N GLU A 131 -20.00 -2.63 6.16
CA GLU A 131 -20.82 -1.85 5.24
C GLU A 131 -20.09 -1.51 3.94
N GLY A 132 -19.02 -2.24 3.68
CA GLY A 132 -18.21 -1.97 2.47
C GLY A 132 -17.06 -1.04 2.83
N GLY A 133 -16.22 -0.70 1.85
CA GLY A 133 -15.06 0.11 2.15
C GLY A 133 -14.10 0.07 0.97
N ILE A 134 -12.83 0.33 1.21
CA ILE A 134 -11.82 0.35 0.13
C ILE A 134 -10.52 -0.22 0.68
N ILE A 135 -9.85 -1.00 -0.15
CA ILE A 135 -8.56 -1.60 0.17
C ILE A 135 -7.63 -1.14 -0.93
N ILE A 136 -6.50 -0.54 -0.51
CA ILE A 136 -5.51 -0.01 -1.49
C ILE A 136 -4.19 -0.74 -1.24
N ASN A 137 -3.65 -1.37 -2.29
CA ASN A 137 -2.42 -2.14 -2.21
C ASN A 137 -1.31 -1.40 -2.93
N MET A 138 -0.15 -1.29 -2.27
CA MET A 138 1.00 -0.58 -2.84
C MET A 138 1.76 -1.54 -3.74
N SER A 139 1.61 -1.32 -5.04
CA SER A 139 2.48 -2.00 -6.00
C SER A 139 3.65 -1.04 -6.30
N SER A 140 4.05 -0.93 -7.58
CA SER A 140 5.16 -0.06 -8.05
C SER A 140 5.06 -0.08 -9.58
N LEU A 141 5.77 0.81 -10.28
CA LEU A 141 5.99 0.57 -11.72
C LEU A 141 6.65 -0.82 -11.95
N ALA A 142 7.41 -1.27 -10.93
CA ALA A 142 7.99 -2.64 -10.93
C ALA A 142 6.91 -3.78 -10.96
N GLY A 143 5.63 -3.42 -10.79
CA GLY A 143 4.52 -4.37 -10.90
C GLY A 143 4.05 -4.52 -12.34
N LEU A 144 4.55 -3.65 -13.20
CA LEU A 144 4.11 -3.58 -14.60
C LEU A 144 5.23 -3.78 -15.64
N MET A 145 6.48 -3.58 -15.22
CA MET A 145 7.62 -3.69 -16.11
C MET A 145 8.76 -4.33 -15.31
N PRO A 146 9.75 -4.85 -16.04
CA PRO A 146 10.83 -5.58 -15.34
C PRO A 146 11.79 -4.66 -14.62
N VAL A 147 12.46 -5.20 -13.59
CA VAL A 147 13.57 -4.53 -12.95
C VAL A 147 14.75 -5.52 -12.88
N ALA A 148 15.72 -5.34 -13.79
CA ALA A 148 16.83 -6.34 -13.90
C ALA A 148 17.54 -6.56 -12.56
N GLN A 149 17.66 -5.49 -11.76
CA GLN A 149 18.42 -5.56 -10.51
C GLN A 149 17.56 -5.95 -9.29
N GLN A 150 16.25 -6.15 -9.50
CA GLN A 150 15.32 -6.44 -8.42
C GLN A 150 14.24 -7.45 -8.88
N PRO A 151 14.68 -8.63 -9.36
CA PRO A 151 13.67 -9.53 -9.95
C PRO A 151 12.63 -10.03 -8.93
N VAL A 152 13.00 -10.21 -7.66
CA VAL A 152 12.01 -10.73 -6.71
C VAL A 152 11.07 -9.58 -6.26
N TYR A 153 11.63 -8.40 -6.02
CA TYR A 153 10.81 -7.24 -5.78
C TYR A 153 9.80 -7.07 -6.96
N CYS A 154 10.29 -7.15 -8.19
CA CYS A 154 9.45 -7.06 -9.38
C CYS A 154 8.34 -8.17 -9.32
N ALA A 155 8.72 -9.42 -8.99
CA ALA A 155 7.74 -10.52 -8.86
C ALA A 155 6.63 -10.17 -7.85
N SER A 156 7.07 -9.68 -6.67
CA SER A 156 6.13 -9.33 -5.57
C SER A 156 5.15 -8.24 -6.05
N LYS A 157 5.66 -7.28 -6.80
CA LYS A 157 4.81 -6.16 -7.24
C LYS A 157 3.84 -6.56 -8.38
N HIS A 158 4.31 -7.45 -9.27
CA HIS A 158 3.47 -8.00 -10.32
C HIS A 158 2.35 -8.81 -9.61
N GLY A 159 2.76 -9.59 -8.60
CA GLY A 159 1.81 -10.38 -7.78
C GLY A 159 0.68 -9.49 -7.26
N ILE A 160 1.06 -8.33 -6.72
CA ILE A 160 0.02 -7.43 -6.21
C ILE A 160 -0.94 -6.96 -7.29
N VAL A 161 -0.43 -6.61 -8.48
CA VAL A 161 -1.31 -6.20 -9.57
C VAL A 161 -2.30 -7.32 -9.92
N GLY A 162 -1.82 -8.53 -10.24
CA GLY A 162 -2.78 -9.63 -10.57
C GLY A 162 -3.78 -9.92 -9.44
N PHE A 163 -3.31 -9.90 -8.20
CA PHE A 163 -4.15 -10.22 -7.08
C PHE A 163 -5.27 -9.16 -6.94
N THR A 164 -4.82 -7.92 -6.97
CA THR A 164 -5.74 -6.76 -6.83
C THR A 164 -6.81 -6.69 -7.91
N ARG A 165 -6.42 -6.80 -9.21
CA ARG A 165 -7.41 -6.78 -10.29
C ARG A 165 -8.41 -7.93 -10.12
N SER A 166 -7.89 -9.12 -9.73
CA SER A 166 -8.74 -10.29 -9.51
C SER A 166 -9.74 -10.14 -8.34
N ALA A 167 -9.20 -9.71 -7.20
CA ALA A 167 -9.99 -9.55 -5.97
C ALA A 167 -11.07 -8.47 -6.24
N ALA A 168 -10.74 -7.41 -7.04
CA ALA A 168 -11.71 -6.38 -7.40
C ALA A 168 -12.90 -7.02 -8.16
N LEU A 169 -12.61 -7.92 -9.12
CA LEU A 169 -13.71 -8.60 -9.82
C LEU A 169 -14.57 -9.49 -8.89
N ALA A 170 -13.88 -10.24 -8.01
CA ALA A 170 -14.52 -11.08 -7.01
C ALA A 170 -15.43 -10.25 -6.12
N ALA A 171 -14.96 -9.08 -5.68
CA ALA A 171 -15.81 -8.18 -4.86
C ALA A 171 -17.13 -7.82 -5.58
N ASN A 172 -17.08 -7.55 -6.89
CA ASN A 172 -18.32 -7.28 -7.66
C ASN A 172 -19.27 -8.48 -7.61
N LEU A 173 -18.73 -9.68 -7.86
CA LEU A 173 -19.50 -10.92 -7.87
C LEU A 173 -20.15 -11.16 -6.54
N MET A 174 -19.42 -10.85 -5.46
CA MET A 174 -19.86 -11.10 -4.07
C MET A 174 -20.76 -9.99 -3.49
N ASN A 175 -20.85 -8.87 -4.20
CA ASN A 175 -21.49 -7.63 -3.73
C ASN A 175 -21.02 -7.32 -2.31
N SER A 176 -19.69 -7.30 -2.12
CA SER A 176 -19.11 -7.07 -0.78
C SER A 176 -19.14 -5.56 -0.46
N GLY A 177 -19.34 -4.74 -1.47
CA GLY A 177 -19.23 -3.28 -1.31
C GLY A 177 -17.81 -2.77 -1.02
N VAL A 178 -16.80 -3.63 -1.25
CA VAL A 178 -15.38 -3.24 -1.02
C VAL A 178 -14.74 -3.05 -2.40
N ARG A 179 -14.11 -1.89 -2.58
CA ARG A 179 -13.38 -1.58 -3.83
C ARG A 179 -11.91 -1.89 -3.54
N LEU A 180 -11.22 -2.53 -4.49
CA LEU A 180 -9.82 -2.85 -4.29
C LEU A 180 -9.02 -2.25 -5.46
N ASN A 181 -8.03 -1.44 -5.12
CA ASN A 181 -7.21 -0.75 -6.15
C ASN A 181 -5.75 -0.86 -5.77
N ALA A 182 -4.85 -0.60 -6.71
CA ALA A 182 -3.39 -0.57 -6.40
C ALA A 182 -2.79 0.73 -6.94
N ILE A 183 -1.67 1.12 -6.32
CA ILE A 183 -0.92 2.30 -6.74
C ILE A 183 0.46 1.80 -7.18
N CYS A 184 0.91 2.28 -8.35
CA CYS A 184 2.17 1.92 -8.97
C CYS A 184 3.06 3.16 -9.19
N PRO A 185 3.76 3.62 -8.14
CA PRO A 185 4.63 4.81 -8.33
C PRO A 185 5.93 4.53 -9.07
N GLY A 186 6.47 5.58 -9.72
CA GLY A 186 7.88 5.63 -10.06
C GLY A 186 8.69 5.86 -8.79
N PHE A 187 9.92 6.35 -8.94
CA PHE A 187 10.82 6.47 -7.76
C PHE A 187 10.30 7.53 -6.80
N VAL A 188 10.39 7.21 -5.51
CA VAL A 188 9.94 8.10 -4.43
C VAL A 188 11.03 8.19 -3.38
N ASN A 189 11.13 9.40 -2.87
CA ASN A 189 12.17 9.71 -1.96
C ASN A 189 11.97 9.12 -0.57
N THR A 190 12.50 7.92 -0.34
CA THR A 190 12.40 7.20 0.96
C THR A 190 13.61 6.30 1.20
N ALA A 191 13.61 5.63 2.35
CA ALA A 191 14.61 4.59 2.72
C ALA A 191 14.70 3.39 1.76
N ILE A 192 13.61 3.05 1.07
CA ILE A 192 13.70 1.97 0.09
C ILE A 192 14.67 2.34 -1.04
N LEU A 193 14.63 3.59 -1.48
CA LEU A 193 15.52 4.04 -2.54
C LEU A 193 17.01 3.91 -2.15
N GLU A 194 17.32 4.17 -0.89
CA GLU A 194 18.70 4.07 -0.37
C GLU A 194 19.25 2.63 -0.32
N SER A 195 18.35 1.65 -0.22
CA SER A 195 18.72 0.24 -0.07
C SER A 195 19.42 -0.33 -1.34
N ILE A 196 19.31 0.36 -2.47
CA ILE A 196 19.98 -0.12 -3.70
C ILE A 196 21.53 -0.04 -3.62
N GLU A 197 22.02 0.70 -2.62
CA GLU A 197 23.46 0.91 -2.41
C GLU A 197 24.16 -0.20 -1.62
N LYS A 198 23.37 -1.13 -1.08
CA LYS A 198 23.89 -2.09 -0.10
C LYS A 198 23.84 -3.53 -0.60
N GLU A 199 24.97 -4.24 -0.55
CA GLU A 199 24.99 -5.66 -0.92
C GLU A 199 24.03 -6.46 -0.04
N GLU A 200 23.88 -6.02 1.21
CA GLU A 200 22.91 -6.63 2.16
C GLU A 200 21.52 -6.72 1.55
N ASN A 201 21.16 -5.71 0.76
CA ASN A 201 19.83 -5.66 0.14
C ASN A 201 19.79 -6.08 -1.32
N MET A 202 20.92 -5.99 -2.00
CA MET A 202 20.99 -6.24 -3.42
C MET A 202 21.63 -7.59 -3.80
N GLY A 203 22.47 -8.15 -2.91
CA GLY A 203 23.04 -9.48 -3.14
C GLY A 203 23.77 -9.51 -4.49
N GLN A 204 23.52 -10.59 -5.24
CA GLN A 204 24.10 -10.83 -6.58
C GLN A 204 23.91 -9.66 -7.59
N TYR A 205 22.97 -8.76 -7.30
CA TYR A 205 22.64 -7.62 -8.17
C TYR A 205 23.39 -6.32 -7.83
N ILE A 206 24.13 -6.32 -6.73
CA ILE A 206 24.80 -5.10 -6.27
C ILE A 206 25.73 -4.51 -7.36
N GLU A 207 26.33 -5.35 -8.19
CA GLU A 207 27.27 -4.82 -9.18
C GLU A 207 26.61 -4.01 -10.29
N TYR A 208 25.29 -4.16 -10.42
CA TYR A 208 24.54 -3.53 -11.50
C TYR A 208 23.68 -2.35 -11.02
N LYS A 209 23.91 -1.93 -9.79
CA LYS A 209 23.09 -0.88 -9.16
C LYS A 209 23.12 0.46 -9.90
N ASP A 210 24.20 0.73 -10.64
CA ASP A 210 24.28 2.02 -11.33
C ASP A 210 23.20 2.24 -12.39
N HIS A 211 22.70 1.15 -12.97
CA HIS A 211 21.64 1.24 -13.98
C HIS A 211 20.38 1.87 -13.32
N ILE A 212 20.07 1.46 -12.09
CA ILE A 212 18.95 2.08 -11.34
C ILE A 212 19.26 3.55 -11.03
N LYS A 213 20.47 3.81 -10.51
CA LYS A 213 20.84 5.18 -10.18
C LYS A 213 20.72 6.12 -11.40
N ASP A 214 21.13 5.62 -12.55
CA ASP A 214 21.01 6.39 -13.78
C ASP A 214 19.56 6.71 -14.09
N MET A 215 18.69 5.73 -13.89
CA MET A 215 17.24 5.96 -14.10
C MET A 215 16.67 7.04 -13.18
N ILE A 216 17.05 6.96 -11.93
CA ILE A 216 16.61 7.92 -10.92
C ILE A 216 17.08 9.34 -11.31
N LYS A 217 18.34 9.46 -11.72
CA LYS A 217 18.86 10.75 -12.20
C LYS A 217 18.08 11.27 -13.43
N TYR A 218 17.74 10.37 -14.35
CA TYR A 218 17.02 10.76 -15.57
C TYR A 218 15.56 11.20 -15.32
N TYR A 219 14.79 10.35 -14.62
CA TYR A 219 13.35 10.60 -14.42
C TYR A 219 13.01 11.46 -13.20
N GLY A 220 13.96 11.57 -12.28
CA GLY A 220 13.64 12.32 -11.07
C GLY A 220 12.88 11.48 -10.05
N ILE A 221 12.57 12.15 -8.94
CA ILE A 221 12.08 11.48 -7.74
C ILE A 221 10.80 12.21 -7.30
N LEU A 222 9.77 11.45 -6.97
CA LEU A 222 8.51 11.99 -6.50
C LEU A 222 8.56 12.21 -4.98
N ASP A 223 7.88 13.25 -4.51
CA ASP A 223 7.75 13.52 -3.08
C ASP A 223 6.61 12.64 -2.54
N PRO A 224 6.78 12.01 -1.36
CA PRO A 224 5.70 11.15 -0.83
C PRO A 224 4.26 11.73 -0.81
N PRO A 225 4.09 13.03 -0.48
CA PRO A 225 2.73 13.62 -0.55
C PRO A 225 1.99 13.46 -1.88
N LEU A 226 2.75 13.44 -2.99
CA LEU A 226 2.19 13.23 -4.31
C LEU A 226 1.52 11.85 -4.42
N ILE A 227 2.14 10.87 -3.76
CA ILE A 227 1.56 9.53 -3.75
C ILE A 227 0.28 9.53 -2.89
N ALA A 228 0.32 10.24 -1.75
CA ALA A 228 -0.86 10.40 -0.90
C ALA A 228 -2.02 11.05 -1.68
N ASN A 229 -1.75 12.03 -2.56
CA ASN A 229 -2.81 12.59 -3.40
C ASN A 229 -3.52 11.50 -4.19
N GLY A 230 -2.74 10.57 -4.74
CA GLY A 230 -3.29 9.42 -5.46
C GLY A 230 -4.19 8.54 -4.57
N LEU A 231 -3.75 8.30 -3.35
CA LEU A 231 -4.54 7.52 -2.40
C LEU A 231 -5.90 8.18 -2.19
N ILE A 232 -5.88 9.48 -1.90
CA ILE A 232 -7.13 10.22 -1.62
C ILE A 232 -8.07 10.14 -2.84
N THR A 233 -7.49 10.27 -4.03
CA THR A 233 -8.25 10.16 -5.27
C THR A 233 -8.98 8.80 -5.31
N LEU A 234 -8.26 7.71 -5.04
CA LEU A 234 -8.91 6.39 -5.04
C LEU A 234 -10.07 6.28 -4.02
N ILE A 235 -9.83 6.79 -2.82
CA ILE A 235 -10.82 6.73 -1.76
C ILE A 235 -12.09 7.51 -2.14
N GLU A 236 -11.92 8.69 -2.71
CA GLU A 236 -13.06 9.60 -2.98
C GLU A 236 -13.88 9.23 -4.22
N ASP A 237 -13.25 8.55 -5.18
CA ASP A 237 -13.93 8.21 -6.43
C ASP A 237 -14.53 6.84 -6.34
N ASP A 238 -15.83 6.82 -6.05
CA ASP A 238 -16.66 5.61 -6.00
C ASP A 238 -16.62 4.65 -7.23
N ALA A 239 -16.24 5.16 -8.40
CA ALA A 239 -16.23 4.38 -9.67
C ALA A 239 -14.94 3.57 -9.86
N LEU A 240 -13.96 3.76 -8.98
CA LEU A 240 -12.68 3.10 -9.14
C LEU A 240 -12.61 1.78 -8.36
N ASN A 241 -12.67 0.72 -9.13
CA ASN A 241 -12.51 -0.60 -8.57
C ASN A 241 -11.67 -1.44 -9.54
N GLY A 242 -10.63 -2.05 -9.00
CA GLY A 242 -9.65 -2.77 -9.83
C GLY A 242 -8.74 -1.82 -10.62
N ALA A 243 -8.78 -0.54 -10.28
CA ALA A 243 -7.92 0.44 -10.97
C ALA A 243 -6.47 0.27 -10.55
N ILE A 244 -5.58 0.35 -11.55
CA ILE A 244 -4.14 0.32 -11.34
C ILE A 244 -3.63 1.71 -11.65
N MET A 245 -3.48 2.47 -10.58
CA MET A 245 -3.07 3.85 -10.64
C MET A 245 -1.56 3.99 -10.72
N LYS A 246 -1.07 4.64 -11.78
CA LYS A 246 0.38 4.93 -11.91
C LYS A 246 0.62 6.38 -11.48
N ILE A 247 1.77 6.62 -10.87
CA ILE A 247 2.13 7.99 -10.49
C ILE A 247 3.56 8.24 -10.89
N THR A 248 3.77 9.14 -11.86
CA THR A 248 5.14 9.36 -12.33
C THR A 248 5.46 10.85 -12.43
N THR A 249 6.75 11.17 -12.58
CA THR A 249 7.14 12.59 -12.73
C THR A 249 6.60 13.12 -14.09
N SER A 250 6.52 12.24 -15.09
CA SER A 250 6.08 12.62 -16.47
C SER A 250 4.59 12.95 -16.59
N LYS A 251 3.76 12.14 -15.93
CA LYS A 251 2.29 12.18 -16.17
C LYS A 251 1.46 12.43 -14.91
N GLY A 252 2.14 12.56 -13.76
CA GLY A 252 1.43 12.61 -12.47
C GLY A 252 0.53 11.39 -12.32
N ILE A 253 -0.64 11.59 -11.76
CA ILE A 253 -1.56 10.48 -11.47
C ILE A 253 -2.28 10.11 -12.75
N HIS A 254 -2.20 8.82 -13.08
CA HIS A 254 -2.86 8.29 -14.30
C HIS A 254 -3.08 6.79 -14.10
N PHE A 255 -3.66 6.13 -15.09
CA PHE A 255 -4.09 4.74 -14.90
C PHE A 255 -3.59 3.86 -16.02
N GLN A 256 -3.26 2.64 -15.64
CA GLN A 256 -2.94 1.59 -16.63
C GLN A 256 -4.25 1.29 -17.36
N ASP A 257 -4.20 1.25 -18.69
CA ASP A 257 -5.40 1.03 -19.47
C ASP A 257 -5.34 -0.40 -20.03
N TYR A 258 -6.24 -1.26 -19.55
CA TYR A 258 -6.24 -2.65 -20.00
C TYR A 258 -7.24 -2.87 -21.14
N GLY A 259 -7.83 -1.78 -21.63
CA GLY A 259 -8.77 -1.85 -22.76
C GLY A 259 -10.17 -2.34 -22.40
N SER A 260 -11.07 -2.39 -23.39
CA SER A 260 -12.50 -2.68 -23.15
C SER A 260 -12.88 -4.13 -23.47
N LYS A 261 -11.89 -4.96 -23.79
CA LYS A 261 -12.11 -6.37 -24.12
C LYS A 261 -11.50 -7.27 -23.06
N GLU A 262 -12.32 -7.70 -22.10
CA GLU A 262 -11.85 -8.44 -20.91
C GLU A 262 -11.12 -9.74 -21.27
N ASN A 263 -11.59 -10.45 -22.30
CA ASN A 263 -10.97 -11.71 -22.67
C ASN A 263 -10.07 -11.64 -23.88
N LEU A 264 -9.56 -10.44 -24.12
CA LEU A 264 -8.65 -10.15 -25.22
C LEU A 264 -7.69 -11.29 -25.48
N TYR A 265 -7.04 -11.78 -24.42
CA TYR A 265 -5.90 -12.71 -24.62
C TYR A 265 -6.32 -14.11 -25.06
N PHE A 266 -7.60 -14.44 -24.87
CA PHE A 266 -8.18 -15.69 -25.39
C PHE A 266 -8.65 -15.58 -26.86
N GLN A 267 -8.72 -14.35 -27.37
CA GLN A 267 -9.39 -14.10 -28.67
C GLN A 267 -8.44 -14.08 -29.85
#